data_4TWI
#
_entry.id   4TWI
#
_cell.length_a   44.610
_cell.length_b   51.362
_cell.length_c   57.687
_cell.angle_alpha   90.00
_cell.angle_beta   101.85
_cell.angle_gamma   90.00
#
_symmetry.space_group_name_H-M   'P 1 21 1'
#
loop_
_entity.id
_entity.type
_entity.pdbx_description
1 polymer 'NAD-dependent protein deacylase 1'
2 polymer 'Succinylated H4 Peptide (aa8-20)'
3 non-polymer 'ZINC ION'
4 non-polymer GLYCEROL
5 water water
#
loop_
_entity_poly.entity_id
_entity_poly.type
_entity_poly.pdbx_seq_one_letter_code
_entity_poly.pdbx_strand_id
1 'polypeptide(L)'
;MDEKLLKTIAESKYLVALTGAGVSAESGIPTFRGKDGLWNRYRPEELANPQAFAKDPEKVWKWYAWRMEKVFNAQPNKAH
QAFAELERLGVLKCLITQNVDDLHERAGSRNVIHLHGSLRVVRCTSCNNSFEVESAPKIPPLPKCDKCGSLLRPGVVWFG
EMLPPDVLDRAMREVERADVIIVAGTSAVVQPAASLPLIVKQRGGAIIEINPDETPLTPIADYSLRGKAGEVMDELVRHV
RKALS
;
A
2 'polypeptide(L)' KGLGKGGA(SLL)RHRKW B
#
loop_
_chem_comp.id
_chem_comp.type
_chem_comp.name
_chem_comp.formula
GOL non-polymer GLYCEROL 'C3 H8 O3'
ZN non-polymer 'ZINC ION' 'Zn 2'
#
# COMPACT_ATOMS: atom_id res chain seq x y z
N ASP A 2 22.01 -14.47 -4.33
CA ASP A 2 21.17 -15.23 -3.36
C ASP A 2 21.72 -15.15 -1.93
N GLU A 3 22.88 -15.77 -1.72
CA GLU A 3 23.38 -16.05 -0.36
C GLU A 3 23.55 -14.81 0.52
N LYS A 4 24.15 -13.76 -0.02
CA LYS A 4 24.30 -12.51 0.72
C LYS A 4 22.95 -11.86 0.98
N LEU A 5 22.08 -11.88 -0.04
CA LEU A 5 20.70 -11.41 0.09
C LEU A 5 19.92 -12.22 1.12
N LEU A 6 19.99 -13.54 1.00
CA LEU A 6 19.31 -14.45 1.93
C LEU A 6 19.78 -14.22 3.36
N LYS A 7 21.09 -14.11 3.54
CA LYS A 7 21.69 -13.86 4.85
C LYS A 7 21.22 -12.53 5.45
N THR A 8 21.19 -11.48 4.63
CA THR A 8 20.71 -10.17 5.05
C THR A 8 19.30 -10.24 5.64
N ILE A 9 18.41 -10.98 4.97
CA ILE A 9 17.03 -11.11 5.44
C ILE A 9 16.96 -12.04 6.65
N ALA A 10 17.60 -13.20 6.54
CA ALA A 10 17.54 -14.23 7.59
C ALA A 10 18.10 -13.73 8.92
N GLU A 11 19.20 -12.98 8.87
CA GLU A 11 19.87 -12.51 10.08
C GLU A 11 19.37 -11.14 10.58
N SER A 12 18.41 -10.54 9.88
CA SER A 12 17.90 -9.22 10.26
C SER A 12 17.32 -9.23 11.68
N LYS A 13 17.52 -8.13 12.40
CA LYS A 13 17.02 -7.97 13.76
C LYS A 13 15.66 -7.28 13.79
N TYR A 14 15.40 -6.40 12.84
CA TYR A 14 14.11 -5.73 12.74
C TYR A 14 13.79 -5.38 11.29
N LEU A 15 13.33 -6.38 10.54
CA LEU A 15 12.97 -6.18 9.14
C LEU A 15 11.55 -5.63 9.02
N VAL A 16 11.39 -4.64 8.15
CA VAL A 16 10.08 -4.10 7.82
C VAL A 16 9.93 -4.11 6.31
N ALA A 17 8.73 -3.78 5.86
CA ALA A 17 8.47 -3.75 4.44
C ALA A 17 7.63 -2.55 4.07
N LEU A 18 7.82 -2.11 2.83
CA LEU A 18 6.98 -1.08 2.23
C LEU A 18 6.47 -1.67 0.93
N THR A 19 5.15 -1.73 0.77
CA THR A 19 4.58 -2.26 -0.47
C THR A 19 3.71 -1.23 -1.18
N GLY A 20 3.63 -1.37 -2.49
CA GLY A 20 2.79 -0.51 -3.33
C GLY A 20 1.95 -1.34 -4.28
N ALA A 21 1.31 -0.68 -5.24
CA ALA A 21 0.30 -1.31 -6.10
C ALA A 21 0.77 -2.53 -6.87
N GLY A 22 2.07 -2.63 -7.10
CA GLY A 22 2.65 -3.74 -7.87
C GLY A 22 2.49 -5.11 -7.24
N VAL A 23 2.34 -5.18 -5.92
CA VAL A 23 2.10 -6.48 -5.27
C VAL A 23 0.65 -6.96 -5.42
N SER A 24 -0.26 -6.10 -5.90
CA SER A 24 -1.66 -6.49 -6.04
C SER A 24 -2.13 -6.71 -7.48
N ALA A 25 -1.30 -6.36 -8.47
CA ALA A 25 -1.64 -6.59 -9.88
C ALA A 25 -2.00 -8.04 -10.18
N GLU A 26 -1.27 -8.97 -9.57
CA GLU A 26 -1.50 -10.40 -9.79
C GLU A 26 -2.81 -10.91 -9.15
N SER A 27 -3.49 -10.06 -8.39
CA SER A 27 -4.84 -10.34 -7.91
C SER A 27 -5.91 -9.74 -8.82
N GLY A 28 -5.48 -9.10 -9.92
CA GLY A 28 -6.40 -8.46 -10.85
C GLY A 28 -6.68 -6.98 -10.60
N ILE A 29 -5.92 -6.36 -9.70
CA ILE A 29 -6.09 -4.95 -9.39
C ILE A 29 -5.05 -4.12 -10.15
N PRO A 30 -5.48 -3.30 -11.13
CA PRO A 30 -4.51 -2.48 -11.87
C PRO A 30 -3.66 -1.59 -10.97
N THR A 31 -2.44 -1.29 -11.39
CA THR A 31 -1.55 -0.44 -10.57
C THR A 31 -2.01 1.02 -10.53
N PHE A 32 -2.89 1.41 -11.44
CA PHE A 32 -3.32 2.81 -11.53
C PHE A 32 -2.11 3.75 -11.70
N ARG A 33 -1.18 3.30 -12.53
CA ARG A 33 -0.12 4.14 -13.10
C ARG A 33 -0.47 4.51 -14.54
N GLY A 34 -1.46 3.82 -15.11
CA GLY A 34 -2.01 4.17 -16.42
C GLY A 34 -3.17 5.14 -16.26
N LYS A 35 -4.36 4.72 -16.70
CA LYS A 35 -5.55 5.56 -16.60
C LYS A 35 -6.51 5.00 -15.53
N ASP A 36 -7.69 5.59 -15.42
CA ASP A 36 -8.58 5.33 -14.28
C ASP A 36 -9.13 3.89 -14.21
N GLY A 37 -9.11 3.17 -15.34
CA GLY A 37 -9.48 1.74 -15.33
C GLY A 37 -10.95 1.41 -15.54
N LEU A 38 -11.82 2.41 -15.46
CA LEU A 38 -13.26 2.22 -15.64
C LEU A 38 -13.70 2.90 -16.94
N TRP A 39 -13.53 4.22 -17.02
CA TRP A 39 -13.73 4.97 -18.28
C TRP A 39 -12.46 4.98 -19.13
N ASN A 40 -11.32 4.90 -18.44
CA ASN A 40 -10.01 5.18 -19.03
C ASN A 40 -9.98 6.52 -19.77
N ARG A 41 -10.52 7.54 -19.12
CA ARG A 41 -10.53 8.91 -19.62
C ARG A 41 -9.72 9.87 -18.75
N TYR A 42 -9.38 9.44 -17.54
CA TYR A 42 -8.65 10.26 -16.59
C TYR A 42 -7.43 9.50 -16.07
N ARG A 43 -6.42 10.25 -15.64
CA ARG A 43 -5.38 9.68 -14.79
C ARG A 43 -6.03 9.45 -13.41
N PRO A 44 -5.64 8.37 -12.72
CA PRO A 44 -6.25 8.09 -11.40
C PRO A 44 -6.14 9.26 -10.42
N GLU A 45 -5.03 9.98 -10.46
CA GLU A 45 -4.83 11.14 -9.59
C GLU A 45 -5.82 12.28 -9.87
N GLU A 46 -6.40 12.31 -11.08
CA GLU A 46 -7.41 13.31 -11.44
C GLU A 46 -8.79 12.99 -10.88
N LEU A 47 -8.98 11.77 -10.38
CA LEU A 47 -10.22 11.37 -9.71
C LEU A 47 -10.02 11.25 -8.19
N ALA A 48 -8.86 10.75 -7.77
CA ALA A 48 -8.55 10.60 -6.35
C ALA A 48 -8.02 11.92 -5.78
N ASN A 49 -8.83 12.97 -5.84
CA ASN A 49 -8.46 14.25 -5.24
C ASN A 49 -9.70 15.06 -4.82
N PRO A 50 -9.52 16.00 -3.88
CA PRO A 50 -10.68 16.74 -3.36
C PRO A 50 -11.35 17.65 -4.39
N GLN A 51 -10.61 18.09 -5.41
CA GLN A 51 -11.17 18.98 -6.42
C GLN A 51 -12.20 18.22 -7.26
N ALA A 52 -11.82 17.04 -7.73
CA ALA A 52 -12.73 16.18 -8.47
C ALA A 52 -13.98 15.84 -7.65
N PHE A 53 -13.79 15.56 -6.36
CA PHE A 53 -14.89 15.16 -5.49
C PHE A 53 -15.87 16.30 -5.25
N ALA A 54 -15.36 17.52 -5.14
CA ALA A 54 -16.21 18.71 -5.02
C ALA A 54 -16.97 19.02 -6.32
N LYS A 55 -16.30 18.82 -7.47
CA LYS A 55 -16.93 19.04 -8.78
C LYS A 55 -18.05 18.05 -9.09
N ASP A 56 -17.79 16.77 -8.81
CA ASP A 56 -18.72 15.71 -9.19
C ASP A 56 -18.52 14.52 -8.26
N PRO A 57 -19.14 14.58 -7.06
CA PRO A 57 -18.99 13.48 -6.10
C PRO A 57 -19.60 12.16 -6.60
N GLU A 58 -20.63 12.22 -7.44
CA GLU A 58 -21.22 11.00 -7.98
C GLU A 58 -20.23 10.26 -8.89
N LYS A 59 -19.52 11.00 -9.74
CA LYS A 59 -18.52 10.41 -10.63
C LYS A 59 -17.41 9.75 -9.82
N VAL A 60 -16.90 10.49 -8.84
CA VAL A 60 -15.83 9.98 -7.98
C VAL A 60 -16.31 8.75 -7.20
N TRP A 61 -17.52 8.82 -6.63
CA TRP A 61 -18.08 7.65 -5.91
C TRP A 61 -18.30 6.43 -6.81
N LYS A 62 -18.77 6.64 -8.04
CA LYS A 62 -18.93 5.54 -8.98
C LYS A 62 -17.61 4.81 -9.20
N TRP A 63 -16.55 5.58 -9.41
CA TRP A 63 -15.21 5.03 -9.54
C TRP A 63 -14.82 4.25 -8.29
N TYR A 64 -15.00 4.82 -7.10
CA TYR A 64 -14.62 4.13 -5.86
C TYR A 64 -15.46 2.88 -5.58
N ALA A 65 -16.75 2.92 -5.87
CA ALA A 65 -17.62 1.76 -5.73
C ALA A 65 -17.13 0.60 -6.61
N TRP A 66 -16.75 0.93 -7.84
CA TRP A 66 -16.13 -0.04 -8.75
C TRP A 66 -14.81 -0.59 -8.17
N ARG A 67 -13.92 0.32 -7.77
CA ARG A 67 -12.64 -0.06 -7.13
C ARG A 67 -12.87 -1.02 -5.96
N MET A 68 -13.84 -0.69 -5.12
CA MET A 68 -14.20 -1.50 -3.95
C MET A 68 -14.66 -2.89 -4.31
N GLU A 69 -15.60 -2.97 -5.25
CA GLU A 69 -16.12 -4.26 -5.70
C GLU A 69 -15.00 -5.16 -6.22
N LYS A 70 -14.13 -4.59 -7.05
CA LYS A 70 -13.04 -5.38 -7.63
C LYS A 70 -12.11 -5.92 -6.56
N VAL A 71 -11.76 -5.07 -5.59
CA VAL A 71 -10.88 -5.48 -4.49
C VAL A 71 -11.57 -6.51 -3.59
N PHE A 72 -12.82 -6.27 -3.22
CA PHE A 72 -13.53 -7.18 -2.32
C PHE A 72 -13.72 -8.56 -2.96
N ASN A 73 -13.85 -8.62 -4.28
CA ASN A 73 -13.96 -9.88 -5.04
C ASN A 73 -12.61 -10.53 -5.39
N ALA A 74 -11.52 -9.78 -5.24
CA ALA A 74 -10.18 -10.30 -5.54
C ALA A 74 -9.68 -11.20 -4.41
N GLN A 75 -8.74 -12.08 -4.72
CA GLN A 75 -8.10 -12.92 -3.71
C GLN A 75 -6.63 -12.52 -3.57
N PRO A 76 -6.07 -12.68 -2.36
CA PRO A 76 -4.64 -12.44 -2.24
C PRO A 76 -3.84 -13.36 -3.16
N ASN A 77 -2.68 -12.88 -3.61
CA ASN A 77 -1.83 -13.63 -4.53
C ASN A 77 -0.57 -14.06 -3.79
N LYS A 78 0.37 -14.66 -4.53
CA LYS A 78 1.62 -15.17 -3.93
C LYS A 78 2.47 -14.13 -3.18
N ALA A 79 2.42 -12.87 -3.61
CA ALA A 79 3.17 -11.82 -2.91
C ALA A 79 2.57 -11.56 -1.53
N HIS A 80 1.25 -11.39 -1.46
CA HIS A 80 0.57 -11.20 -0.19
C HIS A 80 0.80 -12.37 0.76
N GLN A 81 0.71 -13.59 0.23
CA GLN A 81 0.94 -14.80 1.02
C GLN A 81 2.37 -14.82 1.56
N ALA A 82 3.34 -14.47 0.72
CA ALA A 82 4.75 -14.44 1.11
C ALA A 82 5.01 -13.46 2.26
N PHE A 83 4.44 -12.25 2.17
CA PHE A 83 4.62 -11.27 3.24
C PHE A 83 3.98 -11.73 4.56
N ALA A 84 2.81 -12.37 4.46
CA ALA A 84 2.16 -12.94 5.64
C ALA A 84 3.03 -14.02 6.26
N GLU A 85 3.60 -14.87 5.40
CA GLU A 85 4.50 -15.95 5.84
C GLU A 85 5.75 -15.41 6.56
N LEU A 86 6.31 -14.31 6.05
CA LEU A 86 7.48 -13.68 6.68
C LEU A 86 7.15 -13.14 8.07
N GLU A 87 5.93 -12.65 8.25
CA GLU A 87 5.47 -12.22 9.57
C GLU A 87 5.25 -13.44 10.46
N ARG A 88 4.63 -14.48 9.90
CA ARG A 88 4.38 -15.73 10.63
C ARG A 88 5.68 -16.32 11.17
N LEU A 89 6.72 -16.29 10.34
CA LEU A 89 8.05 -16.80 10.72
C LEU A 89 8.80 -15.89 11.71
N GLY A 90 8.29 -14.68 11.95
CA GLY A 90 8.89 -13.75 12.91
C GLY A 90 9.97 -12.84 12.36
N VAL A 91 10.25 -12.94 11.05
CA VAL A 91 11.25 -12.09 10.41
C VAL A 91 10.68 -10.68 10.18
N LEU A 92 9.53 -10.62 9.52
CA LEU A 92 8.88 -9.34 9.22
C LEU A 92 8.14 -8.81 10.46
N LYS A 93 8.55 -7.64 10.93
CA LYS A 93 8.03 -7.05 12.16
C LYS A 93 6.82 -6.13 11.92
N CYS A 94 6.85 -5.42 10.80
CA CYS A 94 5.78 -4.49 10.47
C CYS A 94 5.74 -4.32 8.95
N LEU A 95 4.53 -4.29 8.40
N LEU A 95 4.53 -4.26 8.41
CA LEU A 95 4.31 -4.14 6.97
CA LEU A 95 4.32 -4.13 6.97
C LEU A 95 3.65 -2.77 6.75
C LEU A 95 3.63 -2.79 6.70
N ILE A 96 4.37 -1.87 6.08
CA ILE A 96 3.83 -0.55 5.72
C ILE A 96 3.37 -0.66 4.27
N THR A 97 2.15 -0.22 3.98
CA THR A 97 1.67 -0.28 2.62
C THR A 97 1.04 1.03 2.14
N GLN A 98 1.29 1.32 0.86
CA GLN A 98 0.62 2.42 0.17
C GLN A 98 -0.73 1.96 -0.35
N ASN A 99 -0.96 0.65 -0.37
CA ASN A 99 -2.17 0.09 -0.96
C ASN A 99 -3.42 0.35 -0.14
N VAL A 100 -4.52 0.63 -0.83
CA VAL A 100 -5.82 0.82 -0.17
C VAL A 100 -6.66 -0.46 -0.19
N ASP A 101 -6.13 -1.52 -0.81
CA ASP A 101 -6.81 -2.82 -0.77
C ASP A 101 -6.53 -3.47 0.58
N ASP A 102 -7.26 -4.55 0.86
CA ASP A 102 -7.13 -5.29 2.12
C ASP A 102 -6.53 -6.67 1.90
N LEU A 103 -5.79 -6.85 0.81
CA LEU A 103 -5.29 -8.17 0.44
C LEU A 103 -4.15 -8.65 1.34
N HIS A 104 -3.39 -7.73 1.94
CA HIS A 104 -2.40 -8.11 2.95
C HIS A 104 -3.08 -8.75 4.17
N GLU A 105 -4.10 -8.05 4.70
N GLU A 105 -4.11 -8.06 4.70
CA GLU A 105 -4.89 -8.56 5.82
CA GLU A 105 -4.89 -8.56 5.83
C GLU A 105 -5.56 -9.88 5.50
C GLU A 105 -5.54 -9.90 5.49
N ARG A 106 -6.14 -9.96 4.30
CA ARG A 106 -6.82 -11.15 3.83
C ARG A 106 -5.89 -12.37 3.73
N ALA A 107 -4.62 -12.12 3.44
CA ALA A 107 -3.59 -13.17 3.43
C ALA A 107 -3.11 -13.53 4.84
N GLY A 108 -3.47 -12.74 5.84
CA GLY A 108 -3.15 -13.03 7.24
C GLY A 108 -2.10 -12.13 7.86
N SER A 109 -1.75 -11.03 7.20
CA SER A 109 -0.84 -10.05 7.79
C SER A 109 -1.52 -9.35 8.97
N ARG A 110 -0.81 -9.26 10.09
CA ARG A 110 -1.38 -8.74 11.34
C ARG A 110 -0.99 -7.29 11.61
N ASN A 111 0.29 -6.96 11.45
CA ASN A 111 0.78 -5.63 11.78
C ASN A 111 1.02 -4.79 10.53
N VAL A 112 -0.09 -4.27 9.98
CA VAL A 112 -0.06 -3.50 8.75
C VAL A 112 -0.34 -2.02 9.04
N ILE A 113 0.46 -1.14 8.44
CA ILE A 113 0.22 0.30 8.47
C ILE A 113 -0.26 0.74 7.08
N HIS A 114 -1.45 1.31 7.02
CA HIS A 114 -2.03 1.81 5.77
C HIS A 114 -1.80 3.30 5.61
N LEU A 115 -0.74 3.66 4.89
CA LEU A 115 -0.35 5.06 4.72
C LEU A 115 -1.45 5.88 4.04
N HIS A 116 -2.14 5.28 3.08
CA HIS A 116 -3.15 5.98 2.27
C HIS A 116 -4.59 5.54 2.55
N GLY A 117 -4.81 4.93 3.71
CA GLY A 117 -6.14 4.53 4.11
C GLY A 117 -6.56 3.24 3.44
N SER A 118 -7.88 3.02 3.37
CA SER A 118 -8.42 1.73 2.96
C SER A 118 -9.77 1.86 2.28
N LEU A 119 -9.95 1.09 1.20
CA LEU A 119 -11.23 0.97 0.53
C LEU A 119 -12.30 0.28 1.37
N ARG A 120 -11.89 -0.44 2.43
CA ARG A 120 -12.83 -1.04 3.36
C ARG A 120 -13.52 -0.01 4.26
N VAL A 121 -12.93 1.18 4.37
CA VAL A 121 -13.44 2.22 5.27
C VAL A 121 -14.25 3.24 4.50
N VAL A 122 -15.41 3.57 5.06
CA VAL A 122 -16.21 4.68 4.58
C VAL A 122 -16.38 5.63 5.75
N ARG A 123 -16.25 6.92 5.50
CA ARG A 123 -16.36 7.90 6.57
C ARG A 123 -17.12 9.15 6.15
N CYS A 124 -17.60 9.87 7.15
CA CYS A 124 -18.33 11.10 6.91
C CYS A 124 -17.38 12.23 6.55
N THR A 125 -17.84 13.11 5.66
CA THR A 125 -17.08 14.31 5.29
C THR A 125 -17.17 15.40 6.36
N SER A 126 -18.12 15.29 7.28
CA SER A 126 -18.38 16.32 8.28
C SER A 126 -18.14 15.88 9.72
N CYS A 127 -18.92 14.91 10.19
CA CYS A 127 -18.78 14.41 11.56
C CYS A 127 -17.69 13.33 11.62
N ASN A 128 -17.53 12.72 12.80
CA ASN A 128 -16.46 11.74 13.00
C ASN A 128 -16.88 10.31 12.70
N ASN A 129 -18.07 10.14 12.11
CA ASN A 129 -18.59 8.81 11.81
C ASN A 129 -17.72 8.07 10.82
N SER A 130 -17.42 6.82 11.11
CA SER A 130 -16.53 6.00 10.29
C SER A 130 -16.88 4.54 10.52
N PHE A 131 -16.82 3.73 9.47
CA PHE A 131 -17.16 2.32 9.54
C PHE A 131 -16.60 1.55 8.37
N GLU A 132 -16.62 0.23 8.47
CA GLU A 132 -16.11 -0.62 7.41
C GLU A 132 -17.26 -1.26 6.65
N VAL A 133 -17.02 -1.56 5.37
CA VAL A 133 -18.03 -2.22 4.55
C VAL A 133 -17.58 -3.60 4.11
N GLU A 134 -18.56 -4.50 4.02
CA GLU A 134 -18.35 -5.85 3.50
C GLU A 134 -18.46 -5.89 1.97
N SER A 135 -19.35 -5.06 1.41
N SER A 135 -19.35 -5.05 1.41
CA SER A 135 -19.51 -4.98 -0.03
CA SER A 135 -19.58 -4.98 -0.03
C SER A 135 -19.67 -3.52 -0.47
C SER A 135 -19.67 -3.52 -0.47
N ALA A 136 -19.50 -3.27 -1.77
CA ALA A 136 -19.51 -1.92 -2.31
C ALA A 136 -20.93 -1.35 -2.40
N PRO A 137 -21.08 -0.05 -2.11
CA PRO A 137 -22.39 0.58 -2.30
C PRO A 137 -22.73 0.74 -3.78
N LYS A 138 -24.02 0.86 -4.08
CA LYS A 138 -24.49 1.13 -5.43
C LYS A 138 -24.61 2.65 -5.59
N ILE A 139 -24.02 3.18 -6.65
CA ILE A 139 -24.04 4.62 -6.95
C ILE A 139 -24.68 4.83 -8.31
N PRO A 140 -25.69 5.72 -8.40
CA PRO A 140 -26.36 6.48 -7.34
C PRO A 140 -27.24 5.60 -6.48
N PRO A 141 -27.70 6.12 -5.33
CA PRO A 141 -27.55 7.48 -4.84
C PRO A 141 -26.20 7.74 -4.16
N LEU A 142 -25.88 9.02 -3.93
CA LEU A 142 -24.72 9.38 -3.15
C LEU A 142 -24.89 8.86 -1.73
N PRO A 143 -23.90 8.11 -1.20
CA PRO A 143 -24.05 7.63 0.17
C PRO A 143 -24.03 8.77 1.17
N LYS A 144 -25.01 8.79 2.08
CA LYS A 144 -25.13 9.83 3.10
C LYS A 144 -24.96 9.23 4.49
N CYS A 145 -24.35 10.02 5.38
CA CYS A 145 -24.10 9.62 6.77
C CYS A 145 -25.40 9.39 7.53
N ASP A 146 -25.50 8.22 8.16
CA ASP A 146 -26.68 7.86 8.96
C ASP A 146 -26.81 8.70 10.23
N LYS A 147 -25.69 9.27 10.69
CA LYS A 147 -25.66 10.06 11.93
C LYS A 147 -26.04 11.53 11.71
N CYS A 148 -25.48 12.16 10.68
CA CYS A 148 -25.70 13.60 10.44
C CYS A 148 -26.30 13.96 9.08
N GLY A 149 -26.34 13.02 8.14
CA GLY A 149 -26.92 13.27 6.81
C GLY A 149 -25.97 13.87 5.78
N SER A 150 -24.71 14.10 6.16
CA SER A 150 -23.72 14.66 5.24
C SER A 150 -23.20 13.60 4.28
N LEU A 151 -22.55 14.05 3.22
CA LEU A 151 -21.98 13.17 2.22
C LEU A 151 -20.89 12.29 2.84
N LEU A 152 -20.92 11.00 2.52
CA LEU A 152 -19.84 10.07 2.91
C LEU A 152 -18.78 10.06 1.83
N ARG A 153 -17.61 9.53 2.17
CA ARG A 153 -16.50 9.40 1.24
C ARG A 153 -15.69 8.16 1.54
N PRO A 154 -14.92 7.67 0.56
CA PRO A 154 -14.02 6.56 0.86
C PRO A 154 -12.96 6.96 1.89
N GLY A 155 -12.61 6.02 2.75
CA GLY A 155 -11.62 6.27 3.79
C GLY A 155 -10.20 6.13 3.29
N VAL A 156 -9.92 6.76 2.15
CA VAL A 156 -8.59 6.77 1.56
C VAL A 156 -7.99 8.17 1.65
N VAL A 157 -6.68 8.26 1.49
CA VAL A 157 -5.99 9.54 1.40
C VAL A 157 -5.92 9.92 -0.07
N TRP A 158 -6.51 11.06 -0.40
CA TRP A 158 -6.47 11.56 -1.77
C TRP A 158 -5.21 12.36 -2.02
N PHE A 159 -4.82 12.46 -3.29
CA PHE A 159 -3.70 13.31 -3.69
C PHE A 159 -4.01 14.75 -3.30
N GLY A 160 -3.07 15.38 -2.63
CA GLY A 160 -3.22 16.74 -2.14
C GLY A 160 -3.65 16.81 -0.69
N GLU A 161 -4.02 15.68 -0.12
CA GLU A 161 -4.37 15.59 1.30
C GLU A 161 -3.16 15.16 2.12
N MET A 162 -3.14 15.61 3.36
CA MET A 162 -2.11 15.20 4.30
C MET A 162 -2.42 13.78 4.74
N LEU A 163 -1.39 12.95 4.87
CA LEU A 163 -1.55 11.65 5.49
C LEU A 163 -1.93 11.88 6.96
N PRO A 164 -2.75 10.99 7.54
CA PRO A 164 -3.03 11.19 8.96
C PRO A 164 -1.71 11.24 9.75
N PRO A 165 -1.47 12.34 10.51
CA PRO A 165 -0.19 12.53 11.20
C PRO A 165 0.25 11.34 12.05
N ASP A 166 -0.70 10.70 12.74
CA ASP A 166 -0.39 9.56 13.59
C ASP A 166 0.05 8.35 12.77
N VAL A 167 -0.56 8.16 11.59
CA VAL A 167 -0.22 7.05 10.72
C VAL A 167 1.19 7.22 10.14
N LEU A 168 1.47 8.39 9.58
CA LEU A 168 2.80 8.67 9.04
C LEU A 168 3.87 8.59 10.13
N ASP A 169 3.58 9.17 11.29
CA ASP A 169 4.50 9.12 12.42
C ASP A 169 4.84 7.68 12.83
N ARG A 170 3.83 6.83 12.90
CA ARG A 170 4.03 5.41 13.24
C ARG A 170 4.94 4.71 12.22
N ALA A 171 4.69 4.96 10.94
CA ALA A 171 5.52 4.42 9.86
C ALA A 171 6.97 4.89 10.00
N MET A 172 7.15 6.18 10.32
CA MET A 172 8.49 6.75 10.51
C MET A 172 9.23 6.03 11.63
N ARG A 173 8.55 5.82 12.76
CA ARG A 173 9.16 5.12 13.90
C ARG A 173 9.57 3.68 13.56
N GLU A 174 8.77 3.00 12.74
CA GLU A 174 9.09 1.64 12.31
C GLU A 174 10.36 1.58 11.45
N VAL A 175 10.47 2.45 10.46
CA VAL A 175 11.68 2.50 9.64
C VAL A 175 12.89 3.05 10.41
N GLU A 176 12.63 3.85 11.44
CA GLU A 176 13.71 4.32 12.33
C GLU A 176 14.33 3.18 13.15
N ARG A 177 13.58 2.10 13.35
CA ARG A 177 14.06 0.89 14.06
C ARG A 177 14.67 -0.16 13.12
N ALA A 178 14.31 -0.11 11.84
CA ALA A 178 14.62 -1.22 10.92
C ALA A 178 16.08 -1.24 10.47
N ASP A 179 16.65 -2.44 10.44
CA ASP A 179 17.99 -2.64 9.87
C ASP A 179 17.91 -3.13 8.42
N VAL A 180 16.75 -3.66 8.02
CA VAL A 180 16.49 -4.10 6.65
C VAL A 180 15.05 -3.73 6.27
N ILE A 181 14.88 -3.22 5.05
CA ILE A 181 13.55 -2.96 4.50
C ILE A 181 13.39 -3.60 3.13
N ILE A 182 12.33 -4.37 2.96
CA ILE A 182 11.94 -4.90 1.67
C ILE A 182 10.96 -3.90 1.06
N VAL A 183 11.30 -3.35 -0.10
CA VAL A 183 10.45 -2.38 -0.78
C VAL A 183 9.94 -3.03 -2.06
N ALA A 184 8.65 -3.39 -2.07
CA ALA A 184 8.10 -4.24 -3.11
C ALA A 184 6.92 -3.61 -3.84
N GLY A 185 6.99 -3.61 -5.16
CA GLY A 185 5.88 -3.20 -6.00
C GLY A 185 5.49 -1.73 -5.91
N THR A 186 6.47 -0.86 -5.65
CA THR A 186 6.22 0.57 -5.62
C THR A 186 7.11 1.31 -6.61
N SER A 187 6.56 2.34 -7.25
CA SER A 187 7.28 3.11 -8.25
C SER A 187 8.20 4.17 -7.64
N ALA A 188 8.14 4.35 -6.31
CA ALA A 188 9.02 5.28 -5.57
C ALA A 188 8.92 6.74 -6.06
N VAL A 189 7.72 7.13 -6.47
N VAL A 189 7.72 7.15 -6.46
CA VAL A 189 7.42 8.48 -6.92
CA VAL A 189 7.48 8.54 -6.88
C VAL A 189 6.56 9.24 -5.91
C VAL A 189 6.38 9.26 -6.10
N VAL A 190 5.61 8.53 -5.29
CA VAL A 190 4.60 9.17 -4.43
C VAL A 190 5.18 9.49 -3.05
N GLN A 191 5.13 10.78 -2.71
CA GLN A 191 5.61 11.29 -1.44
C GLN A 191 4.43 11.57 -0.50
N PRO A 192 4.65 11.53 0.82
CA PRO A 192 5.93 11.23 1.50
C PRO A 192 6.31 9.75 1.63
N ALA A 193 5.48 8.85 1.09
CA ALA A 193 5.73 7.40 1.22
C ALA A 193 7.11 7.00 0.71
N ALA A 194 7.49 7.53 -0.45
CA ALA A 194 8.78 7.21 -1.06
C ALA A 194 10.02 7.57 -0.22
N SER A 195 9.86 8.46 0.76
N SER A 195 9.85 8.46 0.76
CA SER A 195 10.98 8.84 1.62
CA SER A 195 10.93 8.87 1.64
C SER A 195 11.25 7.88 2.78
C SER A 195 11.26 7.86 2.75
N LEU A 196 10.34 6.93 3.01
CA LEU A 196 10.49 6.00 4.13
C LEU A 196 11.72 5.08 4.06
N PRO A 197 11.98 4.45 2.88
CA PRO A 197 13.18 3.61 2.76
C PRO A 197 14.50 4.36 2.95
N LEU A 198 14.52 5.65 2.63
CA LEU A 198 15.71 6.49 2.82
C LEU A 198 16.16 6.52 4.28
N ILE A 199 15.19 6.48 5.20
CA ILE A 199 15.48 6.54 6.64
C ILE A 199 16.28 5.32 7.10
N VAL A 200 15.92 4.15 6.56
CA VAL A 200 16.63 2.91 6.88
C VAL A 200 18.08 2.98 6.38
N LYS A 201 18.25 3.47 5.16
CA LYS A 201 19.56 3.62 4.55
C LYS A 201 20.40 4.66 5.31
N GLN A 202 19.81 5.83 5.56
CA GLN A 202 20.49 6.91 6.29
C GLN A 202 21.03 6.44 7.63
N ARG A 203 20.33 5.51 8.28
CA ARG A 203 20.73 4.97 9.59
C ARG A 203 21.60 3.71 9.49
N GLY A 204 22.06 3.37 8.29
CA GLY A 204 22.99 2.25 8.10
C GLY A 204 22.35 0.90 7.81
N GLY A 205 21.05 0.90 7.51
CA GLY A 205 20.33 -0.33 7.17
C GLY A 205 20.43 -0.67 5.69
N ALA A 206 19.82 -1.80 5.31
CA ALA A 206 19.83 -2.27 3.93
C ALA A 206 18.45 -2.16 3.28
N ILE A 207 18.45 -1.83 1.98
CA ILE A 207 17.23 -1.77 1.16
C ILE A 207 17.24 -2.91 0.15
N ILE A 208 16.19 -3.72 0.16
CA ILE A 208 15.99 -4.77 -0.83
C ILE A 208 14.77 -4.38 -1.67
N GLU A 209 15.02 -3.94 -2.90
CA GLU A 209 13.95 -3.52 -3.79
C GLU A 209 13.48 -4.70 -4.62
N ILE A 210 12.17 -4.93 -4.62
CA ILE A 210 11.57 -5.95 -5.46
C ILE A 210 10.56 -5.25 -6.37
N ASN A 211 10.90 -5.12 -7.65
CA ASN A 211 10.07 -4.38 -8.59
C ASN A 211 10.42 -4.79 -10.03
N PRO A 212 9.40 -4.96 -10.90
CA PRO A 212 9.71 -5.37 -12.29
C PRO A 212 10.48 -4.34 -13.11
N ASP A 213 10.51 -3.09 -12.65
CA ASP A 213 11.24 -2.02 -13.33
C ASP A 213 12.14 -1.26 -12.36
N GLU A 214 13.17 -0.62 -12.92
CA GLU A 214 14.01 0.31 -12.19
C GLU A 214 13.17 1.49 -11.70
N THR A 215 13.51 2.06 -10.54
CA THR A 215 12.81 3.23 -9.99
C THR A 215 13.81 4.28 -9.48
N PRO A 216 13.31 5.43 -9.02
CA PRO A 216 14.18 6.40 -8.35
C PRO A 216 14.89 5.88 -7.08
N LEU A 217 14.36 4.81 -6.49
CA LEU A 217 15.00 4.17 -5.33
C LEU A 217 16.18 3.27 -5.71
N THR A 218 16.18 2.74 -6.93
CA THR A 218 17.14 1.71 -7.33
C THR A 218 18.63 2.07 -7.07
N PRO A 219 19.02 3.33 -7.31
CA PRO A 219 20.43 3.69 -7.06
C PRO A 219 20.97 3.42 -5.65
N ILE A 220 20.12 3.51 -4.63
CA ILE A 220 20.54 3.25 -3.24
C ILE A 220 20.11 1.88 -2.73
N ALA A 221 19.46 1.09 -3.57
CA ALA A 221 19.02 -0.24 -3.16
C ALA A 221 20.21 -1.20 -3.14
N ASP A 222 20.43 -1.86 -2.00
CA ASP A 222 21.50 -2.84 -1.88
C ASP A 222 21.29 -4.00 -2.85
N TYR A 223 20.03 -4.40 -2.98
CA TYR A 223 19.61 -5.42 -3.93
C TYR A 223 18.36 -4.89 -4.64
N SER A 224 18.25 -5.18 -5.93
CA SER A 224 17.07 -4.78 -6.70
C SER A 224 16.68 -5.93 -7.63
N LEU A 225 15.60 -6.61 -7.31
CA LEU A 225 15.19 -7.84 -7.99
C LEU A 225 14.07 -7.57 -8.99
N ARG A 226 14.32 -7.93 -10.25
CA ARG A 226 13.34 -7.82 -11.31
C ARG A 226 12.47 -9.07 -11.33
N GLY A 227 11.49 -9.10 -12.24
CA GLY A 227 10.60 -10.25 -12.39
C GLY A 227 9.26 -9.98 -11.75
N LYS A 228 8.39 -10.98 -11.80
CA LYS A 228 7.03 -10.84 -11.27
C LYS A 228 7.03 -10.87 -9.74
N ALA A 229 6.37 -9.89 -9.14
CA ALA A 229 6.36 -9.72 -7.68
C ALA A 229 6.03 -11.00 -6.92
N GLY A 230 4.97 -11.68 -7.35
CA GLY A 230 4.53 -12.91 -6.71
C GLY A 230 5.58 -14.01 -6.77
N GLU A 231 6.12 -14.23 -7.97
CA GLU A 231 7.13 -15.25 -8.18
C GLU A 231 8.41 -14.99 -7.37
N VAL A 232 8.85 -13.73 -7.36
CA VAL A 232 10.08 -13.36 -6.65
C VAL A 232 9.88 -13.51 -5.14
N MET A 233 8.78 -12.96 -4.61
CA MET A 233 8.50 -13.07 -3.19
C MET A 233 8.26 -14.52 -2.74
N ASP A 234 7.61 -15.32 -3.60
CA ASP A 234 7.39 -16.73 -3.30
C ASP A 234 8.71 -17.49 -3.18
N GLU A 235 9.57 -17.31 -4.16
CA GLU A 235 10.90 -17.93 -4.15
C GLU A 235 11.71 -17.45 -2.95
N LEU A 236 11.65 -16.15 -2.68
CA LEU A 236 12.41 -15.53 -1.61
C LEU A 236 12.04 -16.10 -0.23
N VAL A 237 10.75 -16.19 0.04
CA VAL A 237 10.30 -16.71 1.34
C VAL A 237 10.56 -18.21 1.50
N ARG A 238 10.50 -18.96 0.39
CA ARG A 238 10.89 -20.38 0.41
C ARG A 238 12.34 -20.55 0.88
N HIS A 239 13.24 -19.71 0.36
CA HIS A 239 14.65 -19.75 0.76
C HIS A 239 14.89 -19.24 2.17
N VAL A 240 14.18 -18.17 2.57
CA VAL A 240 14.31 -17.62 3.92
C VAL A 240 13.81 -18.62 4.97
N ARG A 241 12.68 -19.28 4.67
CA ARG A 241 12.13 -20.29 5.58
C ARG A 241 13.14 -21.43 5.79
N LYS A 242 13.73 -21.90 4.69
CA LYS A 242 14.75 -22.96 4.78
C LYS A 242 15.98 -22.49 5.55
N ALA A 243 16.41 -21.26 5.28
CA ALA A 243 17.58 -20.67 5.96
C ALA A 243 17.40 -20.60 7.49
N LEU A 244 16.17 -20.39 7.94
CA LEU A 244 15.88 -20.30 9.38
C LEU A 244 15.41 -21.62 10.00
N SER A 245 15.22 -22.64 9.17
CA SER A 245 14.72 -23.94 9.63
C SER A 245 15.79 -24.75 10.35
N LYS B 5 10.48 12.81 5.69
CA LYS B 5 9.70 13.76 4.86
C LYS B 5 8.22 13.79 5.25
N GLY B 6 7.53 14.84 4.82
CA GLY B 6 6.11 15.01 5.08
C GLY B 6 5.40 15.70 3.92
N GLY B 7 4.51 16.64 4.23
CA GLY B 7 3.76 17.34 3.20
C GLY B 7 2.64 16.50 2.63
N ALA B 8 1.83 17.09 1.77
CA ALA B 8 0.65 16.41 1.21
C ALA B 8 1.02 15.27 0.26
C SLL B 9 0.43 13.76 -2.19
N SLL B 9 0.11 14.30 0.15
O SLL B 9 -0.44 14.49 -2.67
CA SLL B 9 0.26 13.19 -0.79
CB SLL B 9 -0.97 12.30 -0.75
CD SLL B 9 -1.97 10.17 -1.40
CE SLL B 9 -1.92 9.01 -2.39
CG SLL B 9 -0.75 11.06 -1.57
CK SLL B 9 -4.65 6.24 -2.76
CL SLL B 9 -5.76 6.76 -3.70
CP SLL B 9 -6.65 5.63 -4.19
CX SLL B 9 -3.37 7.06 -3.01
OX SLL B 9 -2.60 6.75 -3.88
NZ SLL B 9 -3.12 8.21 -2.18
OP1 SLL B 9 -6.25 4.43 -4.17
OP2 SLL B 9 -7.80 5.89 -4.62
N ARG B 10 1.53 13.42 -2.84
CA ARG B 10 1.89 14.05 -4.10
C ARG B 10 2.91 13.24 -4.90
N HIS B 11 3.00 13.55 -6.19
CA HIS B 11 4.01 12.95 -7.04
C HIS B 11 5.30 13.77 -7.01
N ARG B 12 6.43 13.05 -7.04
CA ARG B 12 7.74 13.68 -6.99
C ARG B 12 8.04 14.43 -8.28
ZN ZN C . -21.80 12.42 9.59
C1 GOL D . 8.42 16.34 -4.68
O1 GOL D . 7.01 16.28 -4.45
C2 GOL D . 9.02 17.48 -3.86
O2 GOL D . 10.19 17.99 -4.52
C3 GOL D . 9.42 17.00 -2.48
O3 GOL D . 8.84 17.87 -1.50
#